data_4MZG
#
_entry.id   4MZG
#
_cell.length_a   43.168
_cell.length_b   122.037
_cell.length_c   49.837
_cell.angle_alpha   90.00
_cell.angle_beta   91.71
_cell.angle_gamma   90.00
#
_symmetry.space_group_name_H-M   'P 1 21 1'
#
loop_
_entity.id
_entity.type
_entity.pdbx_description
1 polymer 'Peptide from Histone H3.2'
2 polymer Spindlin-1
3 non-polymer (4R)-2-METHYLPENTANE-2,4-DIOL
4 non-polymer (4S)-2-METHYL-2,4-PENTANEDIOL
5 non-polymer 'MAGNESIUM ION'
6 non-polymer 'CHLORIDE ION'
7 water water
#
loop_
_entity_poly.entity_id
_entity_poly.type
_entity_poly.pdbx_seq_one_letter_code
_entity_poly.pdbx_strand_id
1 'polypeptide(L)' ART(M3L)QTARKSTGGKAPRKQL A,C
2 'polypeptide(L)'
;HHHHHHGSMRRNIVGCRIQHGWKEGNGPVTQWKGTVLDQVPVNPSLYLIKYDGFDCVYGLELNKDERVSALEVLPDRVAT
SRISDAHLADTMIGKAVEHMFETEDGSKDEWRGMVLARAPVMNTWFYITYEKDPVLYMYQLLDDYKEGDLRIMPDSNDSP
PAEREPGEVVDSLVGKQVEYAKEDGSKRTGMVIHQVEAKPSVYFIKFDDDFHIYVYDLVKTS
;
B,D
#
# COMPACT_ATOMS: atom_id res chain seq x y z
N ALA A 1 1.80 -19.57 2.87
CA ALA A 1 1.61 -18.72 1.70
C ALA A 1 2.54 -19.14 0.58
N ARG A 2 2.23 -18.72 -0.65
CA ARG A 2 3.12 -18.93 -1.78
C ARG A 2 4.46 -18.30 -1.51
N THR A 3 5.51 -18.90 -2.05
CA THR A 3 6.79 -18.23 -1.98
C THR A 3 6.98 -17.39 -3.24
N GLN A 5 8.99 -15.95 -6.18
CA GLN A 5 10.12 -16.43 -6.96
C GLN A 5 11.21 -15.38 -7.03
N THR A 6 12.47 -15.81 -7.10
CA THR A 6 13.58 -14.89 -7.25
C THR A 6 13.38 -14.00 -8.47
N ALA A 7 13.69 -12.72 -8.33
CA ALA A 7 13.54 -11.77 -9.43
C ALA A 7 14.45 -12.21 -10.57
N ARG A 8 13.98 -12.02 -11.80
CA ARG A 8 14.80 -12.35 -12.97
C ARG A 8 15.31 -11.09 -13.68
N LYS A 9 16.62 -11.07 -13.93
CA LYS A 9 17.32 -9.88 -14.42
C LYS A 9 17.15 -8.72 -13.45
N SER B 8 4.14 -17.21 -44.47
CA SER B 8 2.74 -17.12 -44.89
C SER B 8 1.81 -17.87 -43.93
N MET B 9 1.84 -19.20 -44.02
CA MET B 9 0.84 -20.08 -43.42
C MET B 9 1.15 -20.40 -41.95
N ARG B 10 0.14 -20.33 -41.08
CA ARG B 10 0.31 -20.62 -39.65
C ARG B 10 -0.92 -21.34 -39.09
N ARG B 11 -0.71 -22.27 -38.18
CA ARG B 11 -1.85 -22.84 -37.48
C ARG B 11 -2.23 -21.95 -36.29
N ASN B 12 -3.48 -22.05 -35.84
CA ASN B 12 -3.92 -21.34 -34.64
C ASN B 12 -3.42 -22.13 -33.42
N ILE B 13 -2.56 -21.51 -32.62
CA ILE B 13 -1.97 -22.27 -31.52
C ILE B 13 -2.46 -21.81 -30.14
N VAL B 14 -3.48 -20.96 -30.09
CA VAL B 14 -4.04 -20.54 -28.81
C VAL B 14 -4.65 -21.75 -28.13
N GLY B 15 -4.33 -21.93 -26.84
CA GLY B 15 -4.81 -23.05 -26.06
C GLY B 15 -3.90 -24.26 -26.13
N CYS B 16 -2.87 -24.20 -26.97
CA CYS B 16 -1.94 -25.32 -27.11
C CYS B 16 -0.79 -25.29 -26.11
N ARG B 17 -0.29 -26.47 -25.81
CA ARG B 17 0.97 -26.63 -25.09
C ARG B 17 2.08 -26.58 -26.13
N ILE B 18 3.17 -25.88 -25.82
CA ILE B 18 4.30 -25.76 -26.73
C ILE B 18 5.60 -26.02 -25.99
N GLN B 19 6.64 -26.37 -26.74
CA GLN B 19 7.98 -26.31 -26.17
C GLN B 19 8.90 -25.68 -27.19
N HIS B 20 9.95 -25.01 -26.72
CA HIS B 20 10.88 -24.40 -27.65
C HIS B 20 12.18 -24.09 -26.94
N GLY B 21 13.20 -23.87 -27.75
CA GLY B 21 14.47 -23.40 -27.24
C GLY B 21 14.50 -21.89 -27.23
N TRP B 22 15.35 -21.34 -26.37
CA TRP B 22 15.52 -19.90 -26.24
C TRP B 22 17.02 -19.58 -26.12
N LYS B 23 17.49 -18.59 -26.88
CA LYS B 23 18.91 -18.24 -26.83
C LYS B 23 19.08 -16.74 -26.65
N GLU B 24 19.77 -16.36 -25.59
CA GLU B 24 20.09 -14.94 -25.38
C GLU B 24 21.58 -14.71 -25.56
N GLY B 25 21.90 -13.86 -26.53
CA GLY B 25 23.28 -13.50 -26.80
C GLY B 25 24.13 -14.71 -27.10
N ASN B 26 25.18 -14.86 -26.30
CA ASN B 26 26.19 -15.86 -26.54
C ASN B 26 26.05 -17.05 -25.58
N GLY B 27 24.87 -17.19 -24.98
CA GLY B 27 24.61 -18.29 -24.07
C GLY B 27 24.13 -19.53 -24.80
N PRO B 28 24.01 -20.63 -24.06
CA PRO B 28 23.46 -21.87 -24.61
C PRO B 28 21.97 -21.71 -24.87
N VAL B 29 21.44 -22.50 -25.78
CA VAL B 29 19.99 -22.57 -25.92
C VAL B 29 19.43 -23.24 -24.66
N THR B 30 18.38 -22.63 -24.09
CA THR B 30 17.70 -23.24 -22.94
C THR B 30 16.30 -23.70 -23.36
N GLN B 31 15.76 -24.68 -22.64
CA GLN B 31 14.55 -25.37 -23.07
C GLN B 31 13.35 -24.98 -22.21
N TRP B 32 12.23 -24.72 -22.88
CA TRP B 32 11.04 -24.15 -22.22
C TRP B 32 9.78 -24.89 -22.61
N LYS B 33 8.86 -25.05 -21.66
CA LYS B 33 7.59 -25.68 -21.96
C LYS B 33 6.50 -24.78 -21.39
N GLY B 34 5.44 -24.55 -22.15
CA GLY B 34 4.40 -23.65 -21.67
C GLY B 34 3.08 -23.79 -22.38
N THR B 35 2.16 -22.89 -22.03
CA THR B 35 0.80 -22.91 -22.55
C THR B 35 0.53 -21.58 -23.22
N VAL B 36 0.05 -21.61 -24.46
CA VAL B 36 -0.26 -20.36 -25.16
C VAL B 36 -1.65 -19.88 -24.72
N LEU B 37 -1.69 -18.73 -24.08
CA LEU B 37 -2.94 -18.22 -23.52
C LEU B 37 -3.79 -17.39 -24.50
N ASP B 38 -3.12 -16.71 -25.42
CA ASP B 38 -3.78 -15.70 -26.24
C ASP B 38 -2.91 -15.29 -27.41
N GLN B 39 -3.55 -14.83 -28.47
CA GLN B 39 -2.89 -14.25 -29.63
C GLN B 39 -3.43 -12.83 -29.72
N VAL B 40 -2.55 -11.84 -29.68
CA VAL B 40 -3.00 -10.46 -29.47
C VAL B 40 -3.66 -9.88 -30.73
N PRO B 41 -4.93 -9.46 -30.61
CA PRO B 41 -5.63 -8.98 -31.81
C PRO B 41 -4.95 -7.79 -32.50
N VAL B 42 -4.41 -6.83 -31.73
CA VAL B 42 -3.78 -5.68 -32.38
C VAL B 42 -2.36 -5.99 -32.88
N ASN B 43 -1.86 -7.19 -32.57
CA ASN B 43 -0.59 -7.66 -33.13
C ASN B 43 -0.59 -9.18 -33.10
N PRO B 44 -1.15 -9.80 -34.15
CA PRO B 44 -1.36 -11.25 -34.15
C PRO B 44 -0.07 -12.05 -34.19
N SER B 45 1.08 -11.39 -34.34
CA SER B 45 2.36 -12.08 -34.28
C SER B 45 2.72 -12.34 -32.81
N LEU B 46 2.04 -11.62 -31.92
CA LEU B 46 2.38 -11.64 -30.50
C LEU B 46 1.47 -12.60 -29.73
N TYR B 47 2.10 -13.53 -29.00
CA TYR B 47 1.36 -14.47 -28.16
C TYR B 47 1.68 -14.23 -26.69
N LEU B 48 0.70 -14.45 -25.82
CA LEU B 48 0.90 -14.45 -24.38
C LEU B 48 1.04 -15.91 -23.94
N ILE B 49 2.08 -16.19 -23.16
CA ILE B 49 2.45 -17.57 -22.81
C ILE B 49 2.70 -17.68 -21.31
N LYS B 50 2.22 -18.77 -20.72
CA LYS B 50 2.51 -19.09 -19.33
C LYS B 50 3.45 -20.29 -19.34
N TYR B 51 4.66 -20.11 -18.86
CA TYR B 51 5.63 -21.20 -18.80
C TYR B 51 5.50 -21.98 -17.51
N ASP B 52 5.64 -23.30 -17.60
CA ASP B 52 5.53 -24.18 -16.43
C ASP B 52 6.54 -23.77 -15.35
N GLY B 53 6.05 -23.47 -14.16
CA GLY B 53 6.94 -23.16 -13.04
C GLY B 53 7.44 -21.73 -12.94
N PHE B 54 6.93 -20.86 -13.81
CA PHE B 54 7.26 -19.43 -13.77
C PHE B 54 5.99 -18.61 -13.67
N ASP B 55 5.98 -17.64 -12.77
CA ASP B 55 4.71 -16.95 -12.41
C ASP B 55 4.25 -15.85 -13.38
N CYS B 56 5.18 -15.23 -14.12
CA CYS B 56 4.81 -14.15 -15.02
C CYS B 56 4.18 -14.64 -16.31
N VAL B 57 3.37 -13.79 -16.91
CA VAL B 57 2.88 -14.04 -18.27
C VAL B 57 3.81 -13.32 -19.23
N TYR B 58 4.29 -14.06 -20.23
CA TYR B 58 5.26 -13.49 -21.17
C TYR B 58 4.65 -13.22 -22.54
N GLY B 59 5.15 -12.21 -23.23
CA GLY B 59 4.74 -11.94 -24.60
C GLY B 59 5.89 -12.17 -25.56
N LEU B 60 5.70 -13.10 -26.49
CA LEU B 60 6.71 -13.42 -27.50
C LEU B 60 6.09 -13.51 -28.87
N GLU B 61 6.80 -12.98 -29.86
CA GLU B 61 6.41 -13.23 -31.24
C GLU B 61 7.03 -14.57 -31.64
N LEU B 62 6.32 -15.65 -31.32
CA LEU B 62 6.89 -17.00 -31.36
C LEU B 62 7.44 -17.40 -32.73
N ASN B 63 6.79 -16.94 -33.79
CA ASN B 63 7.18 -17.32 -35.15
C ASN B 63 8.19 -16.37 -35.81
N LYS B 64 8.43 -15.24 -35.17
CA LYS B 64 9.30 -14.21 -35.76
C LYS B 64 10.59 -13.97 -34.98
N ASP B 65 10.54 -14.19 -33.68
CA ASP B 65 11.66 -13.88 -32.78
C ASP B 65 12.82 -14.85 -33.00
N GLU B 66 13.94 -14.33 -33.49
CA GLU B 66 15.10 -15.18 -33.78
C GLU B 66 15.68 -15.88 -32.55
N ARG B 67 15.33 -15.41 -31.36
CA ARG B 67 15.79 -16.07 -30.13
C ARG B 67 15.08 -17.42 -29.88
N VAL B 68 13.94 -17.62 -30.53
CA VAL B 68 13.18 -18.85 -30.41
C VAL B 68 13.69 -19.85 -31.44
N SER B 69 13.85 -21.11 -31.01
CA SER B 69 14.23 -22.19 -31.92
C SER B 69 13.46 -23.46 -31.60
N ALA B 70 13.42 -24.39 -32.56
CA ALA B 70 12.82 -25.70 -32.34
C ALA B 70 11.41 -25.62 -31.74
N LEU B 71 10.60 -24.69 -32.22
CA LEU B 71 9.25 -24.53 -31.70
C LEU B 71 8.39 -25.73 -32.07
N GLU B 72 7.83 -26.38 -31.07
CA GLU B 72 7.02 -27.56 -31.25
C GLU B 72 5.68 -27.41 -30.56
N VAL B 73 4.61 -27.65 -31.31
CA VAL B 73 3.27 -27.63 -30.74
C VAL B 73 2.86 -29.05 -30.41
N LEU B 74 2.56 -29.29 -29.13
CA LEU B 74 2.25 -30.63 -28.65
C LEU B 74 0.78 -30.93 -28.86
N PRO B 75 0.42 -32.21 -28.86
CA PRO B 75 -1.00 -32.54 -28.96
C PRO B 75 -1.72 -32.48 -27.61
N ASP B 76 -0.97 -32.30 -26.51
CA ASP B 76 -1.54 -32.32 -25.16
C ASP B 76 -2.68 -31.34 -24.97
N ARG B 77 -3.76 -31.81 -24.36
CA ARG B 77 -4.93 -30.97 -24.11
C ARG B 77 -4.97 -30.51 -22.65
N VAL B 78 -4.98 -29.20 -22.45
CA VAL B 78 -5.16 -28.66 -21.11
C VAL B 78 -6.54 -29.07 -20.54
N ALA B 79 -6.55 -29.60 -19.32
CA ALA B 79 -7.80 -30.05 -18.72
C ALA B 79 -8.69 -28.88 -18.34
N THR B 80 -10.00 -29.07 -18.52
CA THR B 80 -11.00 -28.10 -18.11
C THR B 80 -11.57 -28.49 -16.76
N SER B 81 -11.34 -27.66 -15.76
CA SER B 81 -11.97 -27.84 -14.46
C SER B 81 -12.99 -26.72 -14.29
N ARG B 82 -14.04 -26.98 -13.52
CA ARG B 82 -14.94 -25.90 -13.16
C ARG B 82 -14.36 -25.27 -11.91
N ILE B 83 -14.41 -23.94 -11.82
CA ILE B 83 -13.80 -23.28 -10.67
C ILE B 83 -14.58 -23.62 -9.40
N SER B 84 -13.88 -23.61 -8.26
CA SER B 84 -14.44 -24.11 -7.01
C SER B 84 -15.51 -23.20 -6.40
N ASP B 85 -15.44 -21.91 -6.70
CA ASP B 85 -16.41 -20.94 -6.18
C ASP B 85 -16.62 -19.86 -7.23
N ALA B 86 -17.65 -20.02 -8.05
CA ALA B 86 -17.90 -19.08 -9.14
C ALA B 86 -18.20 -17.67 -8.66
N HIS B 87 -18.90 -17.56 -7.54
CA HIS B 87 -19.23 -16.24 -7.01
C HIS B 87 -17.98 -15.44 -6.66
N LEU B 88 -17.12 -16.05 -5.85
CA LEU B 88 -15.89 -15.40 -5.41
C LEU B 88 -15.01 -15.09 -6.61
N ALA B 89 -14.93 -16.04 -7.54
CA ALA B 89 -14.15 -15.86 -8.76
C ALA B 89 -14.61 -14.64 -9.52
N ASP B 90 -15.92 -14.51 -9.73
CA ASP B 90 -16.47 -13.38 -10.47
C ASP B 90 -16.33 -12.05 -9.75
N THR B 91 -16.54 -12.04 -8.44
CA THR B 91 -16.59 -10.78 -7.72
C THR B 91 -15.20 -10.28 -7.34
N MET B 92 -14.21 -11.15 -7.46
CA MET B 92 -12.83 -10.78 -7.15
C MET B 92 -12.23 -9.95 -8.29
N ILE B 93 -12.75 -10.13 -9.50
CA ILE B 93 -12.22 -9.43 -10.66
C ILE B 93 -12.30 -7.90 -10.54
N GLY B 94 -11.18 -7.22 -10.76
CA GLY B 94 -11.13 -5.77 -10.72
C GLY B 94 -10.82 -5.20 -9.35
N LYS B 95 -10.76 -6.07 -8.35
CA LYS B 95 -10.58 -5.65 -6.97
C LYS B 95 -9.13 -5.43 -6.59
N ALA B 96 -8.88 -4.41 -5.78
CA ALA B 96 -7.61 -4.28 -5.09
C ALA B 96 -7.51 -5.38 -4.03
N VAL B 97 -6.33 -5.94 -3.87
CA VAL B 97 -6.11 -7.01 -2.91
C VAL B 97 -4.78 -6.86 -2.17
N GLU B 98 -4.70 -7.54 -1.03
CA GLU B 98 -3.45 -7.73 -0.32
C GLU B 98 -3.14 -9.21 -0.44
N HIS B 99 -2.02 -9.51 -1.09
CA HIS B 99 -1.71 -10.90 -1.40
C HIS B 99 -0.48 -11.28 -0.58
N MET B 100 -0.64 -12.25 0.30
CA MET B 100 0.43 -12.64 1.21
C MET B 100 1.33 -13.70 0.57
N PHE B 101 2.62 -13.43 0.60
CA PHE B 101 3.63 -14.39 0.21
C PHE B 101 4.54 -14.63 1.41
N GLU B 102 5.37 -15.65 1.33
CA GLU B 102 6.48 -15.80 2.26
C GLU B 102 7.78 -15.92 1.47
N THR B 103 8.89 -15.51 2.07
CA THR B 103 10.14 -15.42 1.33
C THR B 103 11.11 -16.56 1.70
N GLU B 104 12.35 -16.44 1.23
CA GLU B 104 13.36 -17.49 1.43
C GLU B 104 13.62 -17.83 2.90
N ASP B 105 13.58 -16.81 3.77
CA ASP B 105 13.79 -17.03 5.19
C ASP B 105 12.53 -17.54 5.88
N GLY B 106 11.42 -17.50 5.15
CA GLY B 106 10.15 -17.99 5.68
C GLY B 106 9.33 -16.94 6.40
N SER B 107 9.66 -15.67 6.21
CA SER B 107 8.88 -14.61 6.84
C SER B 107 7.79 -14.08 5.92
N LYS B 108 6.73 -13.54 6.52
CA LYS B 108 5.57 -13.07 5.77
C LYS B 108 5.84 -11.78 5.01
N ASP B 109 5.23 -11.65 3.84
CA ASP B 109 5.55 -10.60 2.91
C ASP B 109 4.31 -10.23 2.10
N GLU B 110 3.65 -9.14 2.46
CA GLU B 110 2.34 -8.82 1.86
C GLU B 110 2.48 -7.81 0.73
N TRP B 111 1.92 -8.14 -0.43
CA TRP B 111 2.01 -7.29 -1.60
C TRP B 111 0.64 -6.76 -2.01
N ARG B 112 0.53 -5.44 -2.21
CA ARG B 112 -0.69 -4.86 -2.74
C ARG B 112 -0.80 -5.13 -4.23
N GLY B 113 -1.97 -5.56 -4.66
CA GLY B 113 -2.19 -5.90 -6.06
C GLY B 113 -3.60 -5.64 -6.55
N MET B 114 -3.87 -6.05 -7.78
CA MET B 114 -5.19 -5.90 -8.34
C MET B 114 -5.48 -7.14 -9.18
N VAL B 115 -6.60 -7.81 -8.92
CA VAL B 115 -6.99 -8.96 -9.74
C VAL B 115 -7.62 -8.43 -11.01
N LEU B 116 -7.11 -8.85 -12.18
CA LEU B 116 -7.49 -8.22 -13.44
C LEU B 116 -8.57 -8.94 -14.22
N ALA B 117 -8.49 -10.27 -14.23
CA ALA B 117 -9.34 -11.11 -15.08
C ALA B 117 -9.11 -12.57 -14.76
N ARG B 118 -10.05 -13.43 -15.14
CA ARG B 118 -9.77 -14.84 -15.23
C ARG B 118 -8.80 -15.02 -16.37
N ALA B 119 -7.81 -15.89 -16.20
CA ALA B 119 -6.94 -16.24 -17.31
C ALA B 119 -7.71 -17.00 -18.40
N PRO B 120 -7.38 -16.73 -19.67
CA PRO B 120 -7.87 -17.59 -20.76
C PRO B 120 -7.23 -18.96 -20.65
N VAL B 121 -7.87 -19.98 -21.22
CA VAL B 121 -7.29 -21.33 -21.37
C VAL B 121 -7.15 -22.14 -20.07
N MET B 122 -6.43 -21.58 -19.10
CA MET B 122 -6.23 -22.20 -17.81
C MET B 122 -7.26 -21.61 -16.87
N ASN B 123 -8.41 -22.30 -16.87
CA ASN B 123 -9.69 -21.83 -16.34
C ASN B 123 -9.74 -21.45 -14.87
N THR B 124 -8.87 -22.04 -14.06
CA THR B 124 -8.89 -21.80 -12.63
C THR B 124 -7.80 -20.81 -12.21
N TRP B 125 -7.18 -20.17 -13.21
CA TRP B 125 -6.12 -19.23 -12.92
C TRP B 125 -6.61 -17.80 -13.14
N PHE B 126 -5.93 -16.83 -12.53
CA PHE B 126 -6.32 -15.42 -12.60
C PHE B 126 -5.13 -14.55 -12.97
N TYR B 127 -5.39 -13.54 -13.80
CA TYR B 127 -4.42 -12.48 -14.08
C TYR B 127 -4.40 -11.53 -12.89
N ILE B 128 -3.19 -11.22 -12.39
CA ILE B 128 -3.04 -10.28 -11.28
C ILE B 128 -1.78 -9.46 -11.50
N THR B 129 -1.77 -8.22 -11.02
CA THR B 129 -0.55 -7.40 -11.05
C THR B 129 -0.37 -6.71 -9.70
N TYR B 130 0.78 -6.10 -9.50
CA TYR B 130 1.14 -5.60 -8.16
C TYR B 130 1.61 -4.17 -8.24
N GLU B 131 1.28 -3.39 -7.22
CA GLU B 131 1.68 -1.99 -7.18
C GLU B 131 3.18 -1.81 -7.35
N LYS B 132 3.94 -2.64 -6.66
CA LYS B 132 5.40 -2.51 -6.67
C LYS B 132 6.08 -3.43 -7.69
N ASP B 133 5.27 -4.14 -8.48
CA ASP B 133 5.79 -4.97 -9.59
C ASP B 133 4.70 -5.06 -10.65
N PRO B 134 4.53 -4.00 -11.43
CA PRO B 134 3.38 -3.84 -12.33
C PRO B 134 3.54 -4.58 -13.66
N VAL B 135 3.90 -5.85 -13.59
CA VAL B 135 3.80 -6.73 -14.74
C VAL B 135 2.72 -7.78 -14.51
N LEU B 136 2.39 -8.51 -15.57
CA LEU B 136 1.31 -9.48 -15.49
C LEU B 136 1.77 -10.81 -14.86
N TYR B 137 1.07 -11.22 -13.79
CA TYR B 137 1.28 -12.52 -13.14
C TYR B 137 0.01 -13.37 -13.26
N MET B 138 0.14 -14.68 -13.00
CA MET B 138 -0.98 -15.59 -13.06
C MET B 138 -0.88 -16.61 -11.93
N TYR B 139 -1.95 -16.76 -11.14
CA TYR B 139 -1.99 -17.72 -10.03
C TYR B 139 -3.38 -18.29 -9.86
N GLN B 140 -3.47 -19.46 -9.25
CA GLN B 140 -4.77 -20.01 -8.87
C GLN B 140 -5.23 -19.36 -7.56
N LEU B 141 -5.79 -18.16 -7.66
CA LEU B 141 -5.98 -17.31 -6.50
C LEU B 141 -7.04 -17.80 -5.52
N LEU B 142 -7.92 -18.69 -5.97
CA LEU B 142 -8.93 -19.21 -5.05
C LEU B 142 -8.27 -20.02 -3.94
N ASP B 143 -7.15 -20.68 -4.28
CA ASP B 143 -6.39 -21.41 -3.28
C ASP B 143 -5.87 -20.44 -2.21
N ASP B 144 -5.26 -19.34 -2.64
CA ASP B 144 -4.79 -18.32 -1.68
C ASP B 144 -5.94 -17.76 -0.83
N TYR B 145 -7.07 -17.50 -1.46
CA TYR B 145 -8.21 -16.91 -0.75
C TYR B 145 -8.69 -17.86 0.35
N LYS B 146 -8.82 -19.13 0.00
CA LYS B 146 -9.25 -20.16 0.94
C LYS B 146 -8.30 -20.26 2.14
N GLU B 147 -7.00 -20.10 1.90
CA GLU B 147 -6.02 -20.14 2.98
C GLU B 147 -5.91 -18.84 3.78
N GLY B 148 -6.66 -17.81 3.39
CA GLY B 148 -6.61 -16.54 4.07
C GLY B 148 -5.41 -15.69 3.68
N ASP B 149 -4.80 -16.01 2.55
CA ASP B 149 -3.59 -15.32 2.10
C ASP B 149 -3.89 -14.28 1.02
N LEU B 150 -5.17 -14.11 0.71
CA LEU B 150 -5.61 -13.10 -0.25
C LEU B 150 -6.83 -12.39 0.33
N ARG B 151 -6.71 -11.09 0.55
CA ARG B 151 -7.81 -10.31 1.10
C ARG B 151 -8.21 -9.22 0.13
N ILE B 152 -9.52 -9.09 -0.09
CA ILE B 152 -10.04 -8.07 -0.99
C ILE B 152 -10.24 -6.77 -0.21
N MET B 153 -9.70 -5.68 -0.75
CA MET B 153 -9.81 -4.39 -0.10
C MET B 153 -11.16 -3.76 -0.41
N PRO B 154 -11.74 -3.05 0.58
CA PRO B 154 -13.02 -2.37 0.35
C PRO B 154 -12.85 -1.24 -0.66
N ASP B 155 -13.85 -1.09 -1.53
CA ASP B 155 -13.84 -0.08 -2.58
C ASP B 155 -15.16 -0.12 -3.34
N SER B 172 -10.09 3.56 -29.26
CA SER B 172 -9.50 3.37 -27.95
C SER B 172 -7.99 3.47 -28.03
N LEU B 173 -7.34 3.38 -26.87
CA LEU B 173 -5.89 3.36 -26.81
C LEU B 173 -5.32 2.04 -27.31
N VAL B 174 -6.16 1.01 -27.37
CA VAL B 174 -5.68 -0.32 -27.76
C VAL B 174 -5.17 -0.34 -29.22
N GLY B 175 -3.92 -0.74 -29.39
CA GLY B 175 -3.29 -0.80 -30.69
C GLY B 175 -2.41 0.41 -30.96
N LYS B 176 -2.51 1.41 -30.09
CA LYS B 176 -1.70 2.61 -30.27
C LYS B 176 -0.27 2.44 -29.78
N GLN B 177 0.65 3.08 -30.48
CA GLN B 177 2.04 3.13 -30.07
C GLN B 177 2.21 4.20 -29.00
N VAL B 178 2.88 3.85 -27.92
CA VAL B 178 3.07 4.79 -26.82
C VAL B 178 4.52 4.77 -26.39
N GLU B 179 4.90 5.74 -25.57
CA GLU B 179 6.22 5.70 -24.96
C GLU B 179 6.13 6.15 -23.51
N TYR B 180 7.01 5.58 -22.69
CA TYR B 180 7.02 5.82 -21.26
C TYR B 180 8.29 6.58 -20.91
N ALA B 181 8.14 7.85 -20.59
CA ALA B 181 9.28 8.73 -20.37
C ALA B 181 9.74 8.72 -18.92
N LYS B 182 11.04 8.92 -18.71
CA LYS B 182 11.62 8.90 -17.37
C LYS B 182 12.34 10.20 -17.06
N GLU B 183 12.62 10.42 -15.78
CA GLU B 183 13.56 11.47 -15.37
C GLU B 183 14.95 11.03 -15.79
N ASP B 184 15.12 9.71 -15.87
CA ASP B 184 16.33 9.07 -16.39
C ASP B 184 16.78 9.71 -17.69
N GLY B 185 15.82 10.15 -18.50
CA GLY B 185 16.12 10.80 -19.76
C GLY B 185 15.78 9.90 -20.93
N SER B 186 16.05 8.61 -20.78
CA SER B 186 15.66 7.65 -21.79
C SER B 186 14.18 7.32 -21.62
N LYS B 187 13.64 6.56 -22.56
CA LYS B 187 12.24 6.21 -22.51
C LYS B 187 12.08 4.81 -23.05
N ARG B 188 10.89 4.26 -22.88
CA ARG B 188 10.60 2.94 -23.41
C ARG B 188 9.48 3.08 -24.41
N THR B 189 9.63 2.44 -25.57
CA THR B 189 8.61 2.48 -26.61
C THR B 189 7.83 1.17 -26.64
N GLY B 190 6.51 1.25 -26.82
CA GLY B 190 5.71 0.05 -26.87
C GLY B 190 4.35 0.26 -27.48
N MET B 191 3.49 -0.74 -27.32
CA MET B 191 2.15 -0.69 -27.86
C MET B 191 1.17 -1.08 -26.77
N VAL B 192 0.03 -0.41 -26.72
CA VAL B 192 -1.05 -0.82 -25.82
C VAL B 192 -1.72 -2.02 -26.47
N ILE B 193 -1.76 -3.16 -25.78
CA ILE B 193 -2.26 -4.38 -26.41
C ILE B 193 -3.60 -4.87 -25.86
N HIS B 194 -4.06 -4.28 -24.76
CA HIS B 194 -5.30 -4.76 -24.13
C HIS B 194 -5.87 -3.75 -23.16
N GLN B 195 -7.21 -3.69 -23.11
CA GLN B 195 -7.91 -2.89 -22.12
C GLN B 195 -8.63 -3.82 -21.17
N VAL B 196 -8.41 -3.65 -19.87
CA VAL B 196 -9.01 -4.55 -18.89
C VAL B 196 -10.51 -4.29 -18.79
N GLU B 197 -11.31 -5.27 -19.17
CA GLU B 197 -12.77 -5.14 -19.16
C GLU B 197 -13.33 -4.64 -17.82
N ALA B 198 -12.88 -5.25 -16.73
CA ALA B 198 -13.42 -4.92 -15.41
C ALA B 198 -12.98 -3.56 -14.88
N LYS B 199 -11.94 -3.00 -15.49
CA LYS B 199 -11.34 -1.76 -15.01
C LYS B 199 -10.76 -1.00 -16.18
N PRO B 200 -11.64 -0.40 -17.01
CA PRO B 200 -11.28 0.14 -18.33
C PRO B 200 -10.20 1.22 -18.33
N SER B 201 -9.82 1.75 -17.17
CA SER B 201 -8.74 2.72 -17.13
C SER B 201 -7.39 2.00 -17.11
N VAL B 202 -7.41 0.68 -16.94
CA VAL B 202 -6.18 -0.10 -16.85
C VAL B 202 -5.88 -0.82 -18.18
N TYR B 203 -4.62 -0.78 -18.62
CA TYR B 203 -4.25 -1.36 -19.90
C TYR B 203 -3.03 -2.25 -19.79
N PHE B 204 -2.90 -3.22 -20.70
CA PHE B 204 -1.64 -3.95 -20.85
C PHE B 204 -0.80 -3.29 -21.92
N ILE B 205 0.51 -3.21 -21.67
CA ILE B 205 1.45 -2.64 -22.64
C ILE B 205 2.59 -3.61 -22.90
N LYS B 206 2.92 -3.80 -24.18
CA LYS B 206 4.10 -4.58 -24.56
C LYS B 206 5.18 -3.60 -25.01
N PHE B 207 6.30 -3.53 -24.29
CA PHE B 207 7.41 -2.67 -24.67
C PHE B 207 8.35 -3.42 -25.61
N ASP B 208 8.93 -2.71 -26.57
CA ASP B 208 9.78 -3.34 -27.58
C ASP B 208 10.98 -4.10 -27.01
N ASP B 209 11.49 -3.67 -25.86
CA ASP B 209 12.74 -4.23 -25.40
C ASP B 209 12.61 -5.35 -24.36
N ASP B 210 11.43 -5.94 -24.23
CA ASP B 210 11.13 -6.63 -22.96
C ASP B 210 10.02 -7.64 -23.23
N PHE B 211 10.16 -8.85 -22.69
CA PHE B 211 9.13 -9.86 -22.90
C PHE B 211 8.04 -9.92 -21.80
N HIS B 212 8.10 -9.02 -20.83
CA HIS B 212 7.02 -8.95 -19.84
C HIS B 212 5.85 -8.17 -20.40
N ILE B 213 4.70 -8.34 -19.74
CA ILE B 213 3.53 -7.57 -20.08
C ILE B 213 3.32 -6.61 -18.95
N TYR B 214 3.35 -5.31 -19.26
CA TYR B 214 3.24 -4.28 -18.25
C TYR B 214 1.80 -3.85 -18.09
N VAL B 215 1.43 -3.51 -16.86
CA VAL B 215 0.05 -3.13 -16.57
C VAL B 215 0.05 -1.72 -15.98
N TYR B 216 -0.69 -0.82 -16.62
CA TYR B 216 -0.68 0.59 -16.21
C TYR B 216 -2.09 1.16 -16.16
N ASP B 217 -2.37 1.97 -15.15
CA ASP B 217 -3.63 2.70 -15.10
C ASP B 217 -3.43 4.01 -15.87
N LEU B 218 -4.10 4.14 -17.01
CA LEU B 218 -3.84 5.28 -17.91
C LEU B 218 -4.85 6.41 -17.78
N VAL B 219 -5.52 6.47 -16.63
CA VAL B 219 -6.38 7.60 -16.30
C VAL B 219 -6.19 7.97 -14.82
N ALA C 1 11.21 -4.63 15.84
CA ALA C 1 10.31 -3.55 15.47
C ALA C 1 9.32 -3.27 16.60
N ARG C 2 8.71 -2.07 16.58
CA ARG C 2 7.69 -1.73 17.58
C ARG C 2 6.55 -2.71 17.58
N THR C 3 5.93 -2.86 18.75
CA THR C 3 4.72 -3.65 18.86
C THR C 3 3.49 -2.77 18.69
N GLN C 5 -0.23 -1.70 19.45
CA GLN C 5 -1.05 -1.73 20.66
C GLN C 5 -2.44 -2.33 20.44
N THR C 6 -3.17 -1.78 19.48
CA THR C 6 -4.58 -2.11 19.26
C THR C 6 -5.42 -1.98 20.55
N SER D 8 -12.16 33.91 36.23
CA SER D 8 -10.94 33.58 36.96
C SER D 8 -9.74 33.46 36.02
N MET D 9 -8.55 33.79 36.52
CA MET D 9 -7.33 33.76 35.72
C MET D 9 -6.52 32.51 36.06
N ARG D 10 -6.16 31.74 35.04
CA ARG D 10 -5.27 30.60 35.26
C ARG D 10 -4.10 30.56 34.28
N ARG D 11 -3.09 29.75 34.60
N ARG D 11 -3.11 29.75 34.61
CA ARG D 11 -1.91 29.64 33.75
CA ARG D 11 -1.93 29.56 33.78
C ARG D 11 -2.15 28.71 32.57
C ARG D 11 -2.25 28.76 32.51
N ASN D 12 -1.51 29.01 31.44
CA ASN D 12 -1.63 28.20 30.22
C ASN D 12 -0.86 26.91 30.44
N ILE D 13 -1.41 25.77 30.02
CA ILE D 13 -0.74 24.51 30.30
C ILE D 13 -0.08 23.84 29.09
N VAL D 14 -0.02 24.52 27.95
CA VAL D 14 0.66 23.91 26.79
C VAL D 14 2.15 23.72 27.08
N GLY D 15 2.66 22.52 26.79
CA GLY D 15 4.05 22.20 27.01
C GLY D 15 4.32 21.61 28.39
N CYS D 16 3.27 21.55 29.22
CA CYS D 16 3.40 21.00 30.58
C CYS D 16 3.19 19.49 30.64
N ARG D 17 3.83 18.88 31.62
CA ARG D 17 3.54 17.52 32.02
C ARG D 17 2.34 17.60 32.95
N ILE D 18 1.39 16.67 32.79
CA ILE D 18 0.18 16.67 33.62
C ILE D 18 -0.12 15.27 34.11
N GLN D 19 -0.89 15.17 35.19
CA GLN D 19 -1.44 13.88 35.56
C GLN D 19 -2.86 14.10 36.05
N HIS D 20 -3.73 13.12 35.86
CA HIS D 20 -5.11 13.26 36.30
C HIS D 20 -5.75 11.89 36.37
N GLY D 21 -6.87 11.82 37.07
CA GLY D 21 -7.66 10.62 37.10
C GLY D 21 -8.70 10.66 36.00
N TRP D 22 -9.28 9.51 35.69
CA TRP D 22 -10.27 9.42 34.64
C TRP D 22 -11.31 8.41 35.06
N LYS D 23 -12.59 8.72 34.82
CA LYS D 23 -13.66 7.79 35.11
C LYS D 23 -14.70 7.82 34.01
N GLU D 24 -14.91 6.69 33.37
CA GLU D 24 -15.76 6.60 32.20
C GLU D 24 -16.92 5.65 32.46
N GLY D 25 -18.14 6.21 32.45
CA GLY D 25 -19.33 5.47 32.80
C GLY D 25 -19.19 4.88 34.18
N ASN D 26 -19.30 3.56 34.27
CA ASN D 26 -19.32 2.87 35.56
C ASN D 26 -17.99 2.30 36.03
N GLY D 27 -16.93 2.49 35.23
CA GLY D 27 -15.62 1.96 35.58
C GLY D 27 -14.94 2.68 36.72
N PRO D 28 -13.89 2.05 37.30
CA PRO D 28 -13.10 2.63 38.39
C PRO D 28 -12.22 3.77 37.87
N VAL D 29 -11.71 4.59 38.77
CA VAL D 29 -10.82 5.68 38.36
C VAL D 29 -9.47 5.13 37.89
N THR D 30 -9.02 5.57 36.71
CA THR D 30 -7.72 5.17 36.20
C THR D 30 -6.79 6.38 36.20
N GLN D 31 -5.49 6.13 36.20
CA GLN D 31 -4.52 7.21 36.37
C GLN D 31 -3.75 7.45 35.10
N TRP D 32 -3.57 8.73 34.75
CA TRP D 32 -3.00 9.10 33.46
C TRP D 32 -1.90 10.13 33.62
N LYS D 33 -0.81 9.98 32.90
CA LYS D 33 0.26 10.97 32.94
C LYS D 33 0.63 11.29 31.50
N GLY D 34 0.78 12.56 31.19
CA GLY D 34 1.03 12.91 29.79
C GLY D 34 1.61 14.27 29.60
N THR D 35 1.73 14.64 28.33
CA THR D 35 2.37 15.90 27.96
C THR D 35 1.37 16.66 27.10
N VAL D 36 1.08 17.91 27.48
CA VAL D 36 0.17 18.72 26.69
C VAL D 36 0.91 19.32 25.48
N LEU D 37 0.51 18.92 24.29
CA LEU D 37 1.23 19.29 23.08
C LEU D 37 0.77 20.61 22.47
N ASP D 38 -0.50 20.90 22.59
CA ASP D 38 -1.09 21.99 21.83
C ASP D 38 -2.47 22.34 22.36
N GLN D 39 -2.90 23.58 22.08
CA GLN D 39 -4.24 24.02 22.37
C GLN D 39 -4.83 24.46 21.03
N VAL D 40 -6.00 23.95 20.69
CA VAL D 40 -6.53 24.14 19.35
C VAL D 40 -7.09 25.56 19.14
N PRO D 41 -6.54 26.32 18.17
CA PRO D 41 -7.00 27.70 17.95
C PRO D 41 -8.51 27.86 17.78
N VAL D 42 -9.15 27.05 16.94
CA VAL D 42 -10.60 27.20 16.72
C VAL D 42 -11.45 26.65 17.84
N ASN D 43 -10.84 25.97 18.80
CA ASN D 43 -11.54 25.52 19.99
C ASN D 43 -10.57 25.46 21.16
N PRO D 44 -10.32 26.62 21.80
CA PRO D 44 -9.24 26.77 22.77
C PRO D 44 -9.43 25.94 24.04
N SER D 45 -10.61 25.34 24.20
CA SER D 45 -10.86 24.46 25.33
C SER D 45 -10.32 23.05 25.06
N LEU D 46 -9.97 22.80 23.80
CA LEU D 46 -9.51 21.49 23.36
C LEU D 46 -7.99 21.42 23.34
N TYR D 47 -7.43 20.45 24.06
CA TYR D 47 -5.98 20.27 24.07
C TYR D 47 -5.65 18.96 23.40
N LEU D 48 -4.49 18.92 22.76
CA LEU D 48 -3.93 17.68 22.23
C LEU D 48 -2.89 17.18 23.24
N ILE D 49 -2.99 15.91 23.63
CA ILE D 49 -2.17 15.37 24.72
C ILE D 49 -1.54 14.04 24.30
N LYS D 50 -0.25 13.89 24.58
CA LYS D 50 0.39 12.59 24.40
C LYS D 50 0.55 11.96 25.77
N TYR D 51 -0.18 10.86 25.98
CA TYR D 51 -0.08 10.14 27.25
C TYR D 51 1.03 9.08 27.21
N ASP D 52 1.76 8.98 28.32
CA ASP D 52 2.88 8.04 28.44
C ASP D 52 2.33 6.64 28.23
N GLY D 53 2.91 5.89 27.31
CA GLY D 53 2.56 4.49 27.12
C GLY D 53 1.37 4.27 26.19
N PHE D 54 0.88 5.34 25.58
CA PHE D 54 -0.24 5.25 24.64
C PHE D 54 0.16 5.94 23.34
N ASP D 55 0.04 5.25 22.20
CA ASP D 55 0.63 5.73 20.94
C ASP D 55 -0.18 6.82 20.23
N CYS D 56 -1.48 6.86 20.47
CA CYS D 56 -2.37 7.81 19.81
C CYS D 56 -2.34 9.14 20.54
N VAL D 57 -2.41 10.22 19.77
CA VAL D 57 -2.60 11.54 20.36
C VAL D 57 -4.09 11.74 20.66
N TYR D 58 -4.42 12.20 21.86
CA TYR D 58 -5.81 12.40 22.24
C TYR D 58 -6.18 13.85 22.34
N GLY D 59 -7.44 14.15 22.03
CA GLY D 59 -7.96 15.50 22.19
C GLY D 59 -8.99 15.51 23.30
N LEU D 60 -8.71 16.29 24.34
CA LEU D 60 -9.61 16.38 25.49
C LEU D 60 -9.80 17.83 25.89
N GLU D 61 -11.01 18.17 26.32
CA GLU D 61 -11.25 19.46 26.95
C GLU D 61 -10.96 19.31 28.44
N LEU D 62 -9.67 19.40 28.77
CA LEU D 62 -9.14 18.99 30.06
C LEU D 62 -9.83 19.70 31.23
N ASN D 63 -10.25 20.94 31.02
CA ASN D 63 -10.86 21.69 32.12
C ASN D 63 -12.39 21.60 32.18
N LYS D 64 -13.00 21.04 31.14
CA LYS D 64 -14.45 21.01 31.06
C LYS D 64 -15.01 19.60 31.22
N ASP D 65 -14.23 18.62 30.78
CA ASP D 65 -14.70 17.23 30.72
C ASP D 65 -14.87 16.66 32.11
N GLU D 66 -16.09 16.29 32.45
CA GLU D 66 -16.38 15.82 33.80
C GLU D 66 -15.72 14.46 34.08
N ARG D 67 -15.26 13.78 33.03
CA ARG D 67 -14.56 12.51 33.20
C ARG D 67 -13.16 12.71 33.81
N VAL D 68 -12.64 13.93 33.71
CA VAL D 68 -11.32 14.25 34.29
C VAL D 68 -11.43 14.59 35.77
N SER D 69 -10.52 14.05 36.57
CA SER D 69 -10.45 14.41 37.98
C SER D 69 -9.02 14.63 38.48
N ALA D 70 -8.92 15.39 39.56
CA ALA D 70 -7.64 15.70 40.20
C ALA D 70 -6.55 16.11 39.19
N LEU D 71 -6.91 16.97 38.24
CA LEU D 71 -5.93 17.45 37.26
C LEU D 71 -4.79 18.21 37.93
N GLU D 72 -3.57 17.76 37.69
CA GLU D 72 -2.40 18.33 38.33
C GLU D 72 -1.37 18.68 37.26
N VAL D 73 -0.89 19.92 37.30
CA VAL D 73 0.21 20.32 36.43
C VAL D 73 1.51 20.05 37.18
N LEU D 74 2.37 19.23 36.59
CA LEU D 74 3.64 18.86 37.23
C LEU D 74 4.71 19.90 36.93
N PRO D 75 5.70 20.04 37.83
CA PRO D 75 6.77 21.00 37.58
C PRO D 75 7.77 20.46 36.57
N ASP D 76 7.72 19.16 36.28
CA ASP D 76 8.71 18.52 35.41
C ASP D 76 8.79 19.20 34.05
N ARG D 77 10.00 19.49 33.60
CA ARG D 77 10.19 20.20 32.35
C ARG D 77 10.66 19.25 31.25
N VAL D 78 9.90 19.20 30.15
CA VAL D 78 10.29 18.39 29.00
C VAL D 78 11.62 18.89 28.46
N ALA D 79 12.56 17.98 28.25
CA ALA D 79 13.89 18.36 27.75
C ALA D 79 13.87 18.77 26.28
N THR D 80 14.79 19.65 25.91
CA THR D 80 14.99 19.95 24.50
C THR D 80 16.12 19.07 23.97
N SER D 81 15.76 17.84 23.58
CA SER D 81 16.74 16.91 23.03
C SER D 81 17.07 17.35 21.60
N ARG D 82 18.34 17.27 21.22
CA ARG D 82 18.70 17.62 19.84
C ARG D 82 18.48 16.40 18.95
N ILE D 83 17.89 16.64 17.78
CA ILE D 83 17.54 15.56 16.87
C ILE D 83 18.80 14.81 16.35
N SER D 84 18.72 13.49 16.27
CA SER D 84 19.88 12.67 15.90
C SER D 84 20.33 12.84 14.45
N ASP D 85 19.37 13.06 13.56
CA ASP D 85 19.68 13.32 12.16
C ASP D 85 18.73 14.39 11.65
N ALA D 86 19.20 15.64 11.62
CA ALA D 86 18.36 16.76 11.21
C ALA D 86 17.91 16.66 9.76
N HIS D 87 18.79 16.14 8.90
CA HIS D 87 18.46 16.01 7.48
C HIS D 87 17.29 15.06 7.27
N LEU D 88 17.42 13.86 7.83
CA LEU D 88 16.37 12.85 7.71
C LEU D 88 15.09 13.34 8.36
N ALA D 89 15.24 14.00 9.50
CA ALA D 89 14.06 14.52 10.21
C ALA D 89 13.28 15.48 9.31
N ASP D 90 13.99 16.39 8.66
CA ASP D 90 13.34 17.39 7.81
C ASP D 90 12.74 16.77 6.55
N THR D 91 13.47 15.89 5.91
CA THR D 91 13.05 15.38 4.61
C THR D 91 12.00 14.27 4.68
N MET D 92 11.78 13.73 5.87
CA MET D 92 10.79 12.67 6.09
C MET D 92 9.39 13.28 6.16
N ILE D 93 9.31 14.56 6.49
CA ILE D 93 8.03 15.23 6.69
C ILE D 93 7.22 15.32 5.41
N GLY D 94 6.00 14.81 5.44
CA GLY D 94 5.13 14.82 4.29
C GLY D 94 5.23 13.62 3.39
N LYS D 95 6.13 12.69 3.71
CA LYS D 95 6.34 11.51 2.86
C LYS D 95 5.45 10.34 3.22
N ALA D 96 5.05 9.59 2.20
CA ALA D 96 4.44 8.30 2.42
C ALA D 96 5.52 7.34 2.87
N VAL D 97 5.18 6.44 3.78
CA VAL D 97 6.14 5.51 4.36
C VAL D 97 5.54 4.11 4.50
N GLU D 98 6.43 3.13 4.60
CA GLU D 98 6.06 1.79 5.04
C GLU D 98 6.68 1.62 6.42
N HIS D 99 5.83 1.45 7.41
CA HIS D 99 6.27 1.40 8.79
C HIS D 99 6.10 -0.01 9.32
N MET D 100 7.21 -0.66 9.63
CA MET D 100 7.16 -2.05 10.07
C MET D 100 6.94 -2.17 11.57
N PHE D 101 5.93 -2.95 11.93
CA PHE D 101 5.68 -3.33 13.32
C PHE D 101 5.86 -4.83 13.51
N GLU D 102 5.82 -5.27 14.77
CA GLU D 102 5.72 -6.68 15.12
C GLU D 102 4.44 -6.88 15.89
N THR D 103 3.84 -8.06 15.76
CA THR D 103 2.71 -8.39 16.62
C THR D 103 3.19 -9.26 17.77
N GLU D 104 2.34 -9.43 18.78
CA GLU D 104 2.72 -10.12 20.03
C GLU D 104 3.23 -11.55 19.82
N ASP D 105 3.02 -12.09 18.62
CA ASP D 105 3.56 -13.41 18.27
C ASP D 105 4.93 -13.30 17.60
N GLY D 106 5.28 -12.09 17.17
CA GLY D 106 6.59 -11.82 16.61
C GLY D 106 6.66 -11.66 15.11
N SER D 107 5.51 -11.73 14.43
CA SER D 107 5.50 -11.72 12.96
C SER D 107 5.49 -10.31 12.35
N LYS D 108 5.95 -10.23 11.10
CA LYS D 108 6.01 -8.97 10.35
C LYS D 108 4.62 -8.34 10.21
N ASP D 109 4.56 -7.02 10.30
CA ASP D 109 3.30 -6.32 10.21
C ASP D 109 3.60 -4.94 9.67
N GLU D 110 3.57 -4.78 8.35
CA GLU D 110 3.94 -3.52 7.71
C GLU D 110 2.72 -2.65 7.40
N TRP D 111 2.76 -1.40 7.85
CA TRP D 111 1.63 -0.49 7.69
C TRP D 111 2.00 0.70 6.82
N ARG D 112 1.18 1.00 5.82
CA ARG D 112 1.42 2.17 5.00
C ARG D 112 0.92 3.40 5.74
N GLY D 113 1.75 4.44 5.76
CA GLY D 113 1.38 5.67 6.45
C GLY D 113 1.94 6.91 5.81
N MET D 114 1.82 8.03 6.52
CA MET D 114 2.36 9.30 6.10
C MET D 114 2.90 10.05 7.30
N VAL D 115 4.15 10.50 7.22
CA VAL D 115 4.72 11.33 8.28
C VAL D 115 4.21 12.74 8.08
N LEU D 116 3.59 13.30 9.11
CA LEU D 116 2.86 14.55 8.97
C LEU D 116 3.64 15.78 9.39
N ALA D 117 4.40 15.65 10.48
CA ALA D 117 5.06 16.80 11.06
C ALA D 117 5.94 16.33 12.20
N ARG D 118 6.87 17.19 12.60
CA ARG D 118 7.52 16.96 13.88
C ARG D 118 6.48 17.37 14.94
N ALA D 119 6.38 16.58 16.01
CA ALA D 119 5.47 16.91 17.09
C ALA D 119 5.92 18.19 17.81
N PRO D 120 4.96 19.01 18.26
CA PRO D 120 5.29 20.12 19.17
C PRO D 120 5.75 19.56 20.51
N VAL D 121 6.53 20.36 21.23
CA VAL D 121 6.94 20.09 22.62
C VAL D 121 7.91 18.93 22.75
N MET D 122 7.52 17.75 22.29
CA MET D 122 8.38 16.58 22.28
C MET D 122 9.08 16.51 20.92
N ASN D 123 10.11 17.34 20.81
CA ASN D 123 10.87 17.66 19.60
C ASN D 123 11.44 16.53 18.76
N THR D 124 11.68 15.38 19.38
CA THR D 124 12.28 14.28 18.66
C THR D 124 11.24 13.24 18.26
N TRP D 125 9.97 13.57 18.52
CA TRP D 125 8.87 12.69 18.12
C TRP D 125 8.18 13.25 16.87
N PHE D 126 7.47 12.38 16.16
CA PHE D 126 6.83 12.75 14.90
C PHE D 126 5.37 12.36 14.90
N TYR D 127 4.53 13.23 14.35
CA TYR D 127 3.13 12.92 14.03
C TYR D 127 3.10 12.02 12.79
N ILE D 128 2.34 10.95 12.85
CA ILE D 128 2.21 10.02 11.72
C ILE D 128 0.78 9.47 11.70
N THR D 129 0.25 9.18 10.52
CA THR D 129 -1.05 8.51 10.46
C THR D 129 -0.94 7.36 9.45
N TYR D 130 -1.99 6.54 9.36
CA TYR D 130 -1.91 5.29 8.59
C TYR D 130 -3.11 5.16 7.68
N GLU D 131 -2.91 4.60 6.50
CA GLU D 131 -3.99 4.45 5.54
C GLU D 131 -5.14 3.63 6.13
N LYS D 132 -4.81 2.54 6.82
CA LYS D 132 -5.84 1.68 7.40
C LYS D 132 -6.14 1.99 8.87
N ASP D 133 -5.58 3.07 9.39
CA ASP D 133 -5.93 3.57 10.73
C ASP D 133 -5.64 5.06 10.79
N PRO D 134 -6.56 5.86 10.23
CA PRO D 134 -6.34 7.27 9.93
C PRO D 134 -6.60 8.13 11.14
N VAL D 135 -5.95 7.80 12.25
CA VAL D 135 -5.90 8.71 13.37
C VAL D 135 -4.46 9.14 13.62
N LEU D 136 -4.29 10.05 14.58
CA LEU D 136 -2.99 10.65 14.80
C LEU D 136 -2.18 9.84 15.81
N TYR D 137 -1.01 9.38 15.38
CA TYR D 137 -0.04 8.68 16.23
C TYR D 137 1.24 9.49 16.39
N MET D 138 2.02 9.12 17.40
CA MET D 138 3.27 9.83 17.66
C MET D 138 4.34 8.82 18.06
N TYR D 139 5.50 8.87 17.38
CA TYR D 139 6.61 7.98 17.65
C TYR D 139 7.94 8.70 17.41
N GLN D 140 9.00 8.21 18.06
CA GLN D 140 10.34 8.65 17.71
C GLN D 140 10.84 7.93 16.46
N LEU D 141 10.38 8.39 15.29
CA LEU D 141 10.55 7.63 14.06
C LEU D 141 12.00 7.48 13.59
N LEU D 142 12.90 8.35 14.05
CA LEU D 142 14.29 8.19 13.67
C LEU D 142 14.87 6.87 14.18
N ASP D 143 14.34 6.38 15.30
CA ASP D 143 14.74 5.10 15.83
C ASP D 143 14.32 3.97 14.90
N ASP D 144 13.08 4.02 14.44
CA ASP D 144 12.60 3.01 13.48
C ASP D 144 13.46 3.05 12.23
N TYR D 145 13.78 4.26 11.77
CA TYR D 145 14.49 4.44 10.51
C TYR D 145 15.87 3.83 10.57
N LYS D 146 16.56 4.10 11.67
CA LYS D 146 17.90 3.57 11.94
C LYS D 146 17.91 2.05 11.93
N GLU D 147 16.84 1.44 12.44
CA GLU D 147 16.73 -0.01 12.54
C GLU D 147 16.25 -0.64 11.24
N GLY D 148 15.92 0.18 10.25
CA GLY D 148 15.45 -0.33 8.98
C GLY D 148 13.96 -0.65 8.94
N ASP D 149 13.23 -0.17 9.95
CA ASP D 149 11.80 -0.48 10.04
C ASP D 149 10.89 0.65 9.55
N LEU D 150 11.47 1.66 8.94
CA LEU D 150 10.72 2.74 8.33
C LEU D 150 11.34 3.07 6.99
N ARG D 151 10.58 2.85 5.92
CA ARG D 151 11.08 3.12 4.58
C ARG D 151 10.23 4.19 3.92
N ILE D 152 10.88 5.17 3.31
CA ILE D 152 10.19 6.27 2.64
C ILE D 152 9.87 5.85 1.21
N MET D 153 8.63 6.07 0.79
CA MET D 153 8.20 5.70 -0.56
C MET D 153 8.58 6.77 -1.57
N PRO D 154 8.96 6.33 -2.78
CA PRO D 154 9.26 7.24 -3.90
C PRO D 154 8.06 8.13 -4.19
N ASP D 155 8.32 9.37 -4.61
CA ASP D 155 7.26 10.32 -4.93
C ASP D 155 6.35 9.78 -6.04
N VAL D 170 -5.10 27.94 -1.84
CA VAL D 170 -6.44 27.66 -1.30
C VAL D 170 -6.56 28.22 0.11
N ASP D 171 -7.78 28.56 0.51
CA ASP D 171 -8.03 28.95 1.89
C ASP D 171 -8.14 27.68 2.74
N SER D 172 -7.71 27.78 4.00
CA SER D 172 -7.79 26.65 4.90
C SER D 172 -9.24 26.33 5.27
N LEU D 173 -9.56 25.03 5.37
CA LEU D 173 -10.88 24.57 5.78
C LEU D 173 -11.05 24.48 7.29
N VAL D 174 -10.03 24.90 8.03
CA VAL D 174 -10.10 24.88 9.49
C VAL D 174 -11.27 25.74 9.97
N GLY D 175 -12.09 25.17 10.84
CA GLY D 175 -13.27 25.87 11.33
C GLY D 175 -14.54 25.41 10.65
N LYS D 176 -14.39 24.75 9.51
CA LYS D 176 -15.53 24.13 8.86
C LYS D 176 -15.89 22.83 9.56
N GLN D 177 -17.02 22.25 9.19
CA GLN D 177 -17.45 20.98 9.70
C GLN D 177 -17.57 19.94 8.57
N VAL D 178 -17.44 18.67 8.88
CA VAL D 178 -17.54 17.64 7.86
C VAL D 178 -18.29 16.49 8.42
N GLU D 179 -19.18 15.87 7.63
CA GLU D 179 -19.89 14.66 8.06
C GLU D 179 -19.50 13.40 7.30
N TYR D 180 -19.33 12.32 8.02
CA TYR D 180 -18.87 11.07 7.46
C TYR D 180 -19.79 9.93 7.78
N ARG D 188 -21.51 10.64 11.50
CA ARG D 188 -21.16 11.66 12.47
C ARG D 188 -20.56 12.91 11.81
N THR D 189 -20.63 14.04 12.52
CA THR D 189 -20.12 15.31 12.01
C THR D 189 -18.93 15.75 12.88
N GLY D 190 -17.86 16.21 12.25
CA GLY D 190 -16.69 16.62 13.00
C GLY D 190 -16.26 18.03 12.69
N MET D 191 -15.36 18.57 13.52
CA MET D 191 -14.83 19.89 13.28
C MET D 191 -13.42 19.76 12.72
N VAL D 192 -13.13 20.54 11.68
CA VAL D 192 -11.78 20.59 11.13
C VAL D 192 -10.95 21.51 12.02
N ILE D 193 -9.90 20.97 12.66
CA ILE D 193 -9.21 21.72 13.70
C ILE D 193 -7.78 22.15 13.38
N HIS D 194 -7.20 21.62 12.31
CA HIS D 194 -5.80 21.88 12.01
C HIS D 194 -5.50 21.50 10.57
N GLN D 195 -4.72 22.34 9.89
CA GLN D 195 -4.24 22.05 8.54
C GLN D 195 -2.77 21.61 8.64
N VAL D 196 -2.45 20.48 8.03
CA VAL D 196 -1.08 19.99 8.05
C VAL D 196 -0.24 20.83 7.10
N GLU D 197 0.73 21.55 7.67
CA GLU D 197 1.55 22.50 6.89
C GLU D 197 2.21 21.88 5.67
N ALA D 198 2.77 20.68 5.84
CA ALA D 198 3.53 20.03 4.78
C ALA D 198 2.65 19.44 3.68
N LYS D 199 1.38 19.22 3.99
CA LYS D 199 0.42 18.66 3.03
C LYS D 199 -0.92 19.32 3.27
N PRO D 200 -1.09 20.57 2.80
CA PRO D 200 -2.21 21.43 3.20
C PRO D 200 -3.60 20.97 2.75
N SER D 201 -3.72 19.87 2.00
CA SER D 201 -5.04 19.30 1.73
C SER D 201 -5.44 18.33 2.84
N VAL D 202 -4.51 18.04 3.74
CA VAL D 202 -4.72 17.09 4.83
C VAL D 202 -4.97 17.83 6.13
N TYR D 203 -5.98 17.38 6.89
CA TYR D 203 -6.45 18.08 8.07
C TYR D 203 -6.67 17.13 9.22
N PHE D 204 -6.60 17.66 10.43
CA PHE D 204 -7.01 16.97 11.64
C PHE D 204 -8.49 17.28 11.87
N ILE D 205 -9.25 16.27 12.25
CA ILE D 205 -10.68 16.43 12.48
C ILE D 205 -11.02 15.86 13.86
N LYS D 206 -11.81 16.60 14.64
CA LYS D 206 -12.24 16.14 15.96
C LYS D 206 -13.75 15.89 15.96
N PHE D 207 -14.15 14.66 16.25
CA PHE D 207 -15.58 14.34 16.46
C PHE D 207 -15.95 14.44 17.94
N ASP D 208 -17.10 15.04 18.22
CA ASP D 208 -17.49 15.37 19.60
C ASP D 208 -17.39 14.26 20.66
N ASP D 209 -17.72 13.03 20.31
CA ASP D 209 -17.71 11.95 21.31
C ASP D 209 -16.64 10.88 21.05
N ASP D 210 -15.45 11.32 20.64
CA ASP D 210 -14.37 10.41 20.31
C ASP D 210 -13.13 11.23 20.61
N PHE D 211 -12.22 10.72 21.42
CA PHE D 211 -11.05 11.53 21.75
C PHE D 211 -9.88 11.33 20.81
N HIS D 212 -10.04 10.51 19.77
CA HIS D 212 -8.98 10.39 18.75
C HIS D 212 -8.97 11.61 17.84
N ILE D 213 -7.82 11.86 17.23
CA ILE D 213 -7.73 12.93 16.27
C ILE D 213 -7.66 12.26 14.90
N TYR D 214 -8.67 12.48 14.07
CA TYR D 214 -8.71 11.85 12.76
C TYR D 214 -7.92 12.66 11.76
N VAL D 215 -7.31 12.01 10.78
CA VAL D 215 -6.52 12.71 9.79
C VAL D 215 -7.02 12.32 8.40
N TYR D 216 -7.57 13.30 7.70
CA TYR D 216 -8.18 13.04 6.40
C TYR D 216 -7.70 14.03 5.35
N ASP D 217 -7.57 13.55 4.13
CA ASP D 217 -7.37 14.44 2.99
C ASP D 217 -8.74 14.97 2.56
N LEU D 218 -8.91 16.28 2.59
CA LEU D 218 -10.20 16.89 2.29
C LEU D 218 -10.27 17.47 0.87
N VAL D 219 -9.39 17.04 -0.01
CA VAL D 219 -9.43 17.50 -1.40
C VAL D 219 -9.77 16.36 -2.35
#